data_4ORL
#
_entry.id   4ORL
#
_cell.length_a   47.635
_cell.length_b   103.233
_cell.length_c   43.234
_cell.angle_alpha   90.000
_cell.angle_beta   90.000
_cell.angle_gamma   90.000
#
_symmetry.space_group_name_H-M   'C 2 2 2'
#
loop_
_entity.id
_entity.type
_entity.pdbx_description
1 polymer 'Uncharacterized protein'
2 non-polymer DI(HYDROXYETHYL)ETHER
3 water water
#
_entity_poly.entity_id   1
_entity_poly.type   'polypeptide(L)'
_entity_poly.pdbx_seq_one_letter_code
;GQEIPAGVITAFKRGSSQELSKY(MSE)GDKVNLVFQGRSTNVDKQKATAA(MSE)QEFFTKNKVSGFNVNHQGKRDESS
FVIGTLATTNGNFRVNCFLKKVQNQYLIHQIRIDKINE
;
_entity_poly.pdbx_strand_id   A
#
# COMPACT_ATOMS: atom_id res chain seq x y z
N GLY A 1 12.81 -7.97 -4.54
CA GLY A 1 14.10 -7.29 -4.89
C GLY A 1 14.16 -5.86 -4.36
N GLN A 2 15.13 -5.09 -4.83
CA GLN A 2 15.30 -3.73 -4.35
C GLN A 2 14.03 -2.90 -4.58
N GLU A 3 13.55 -2.86 -5.82
CA GLU A 3 12.46 -1.95 -6.21
C GLU A 3 11.15 -2.26 -5.49
N ILE A 4 10.81 -3.55 -5.40
CA ILE A 4 9.65 -4.00 -4.65
C ILE A 4 10.09 -5.03 -3.63
N PRO A 5 10.40 -4.59 -2.41
CA PRO A 5 10.88 -5.54 -1.44
C PRO A 5 9.87 -6.63 -1.15
N ALA A 6 10.34 -7.87 -1.11
CA ALA A 6 9.48 -8.99 -0.73
C ALA A 6 8.68 -8.68 0.55
N GLY A 7 9.31 -7.99 1.50
CA GLY A 7 8.65 -7.63 2.77
C GLY A 7 7.40 -6.78 2.64
N VAL A 8 7.31 -5.98 1.57
CA VAL A 8 6.10 -5.20 1.33
C VAL A 8 4.95 -6.15 1.02
N ILE A 9 5.22 -7.12 0.17
CA ILE A 9 4.22 -8.08 -0.20
C ILE A 9 3.81 -8.94 1.00
N THR A 10 4.79 -9.39 1.77
CA THR A 10 4.52 -10.17 2.97
C THR A 10 3.70 -9.36 3.99
N ALA A 11 3.99 -8.07 4.12
CA ALA A 11 3.22 -7.21 5.04
C ALA A 11 1.74 -7.18 4.67
N PHE A 12 1.44 -7.07 3.39
CA PHE A 12 0.06 -7.09 2.96
C PHE A 12 -0.58 -8.45 3.13
N LYS A 13 0.16 -9.51 2.83
CA LYS A 13 -0.36 -10.88 3.03
C LYS A 13 -0.77 -11.12 4.48
N ARG A 14 -0.03 -10.50 5.40
CA ARG A 14 -0.22 -10.71 6.83
C ARG A 14 -1.12 -9.67 7.48
N GLY A 15 -1.54 -8.65 6.72
CA GLY A 15 -2.22 -7.53 7.34
C GLY A 15 -1.40 -6.90 8.47
N SER A 16 -0.09 -6.74 8.25
CA SER A 16 0.83 -6.23 9.27
C SER A 16 1.27 -4.81 8.98
N SER A 17 0.67 -3.86 9.69
CA SER A 17 1.07 -2.47 9.60
C SER A 17 2.51 -2.28 10.10
N GLN A 18 2.90 -3.03 11.12
CA GLN A 18 4.25 -2.90 11.64
C GLN A 18 5.31 -3.36 10.63
N GLU A 19 5.02 -4.43 9.89
CA GLU A 19 5.95 -4.88 8.85
C GLU A 19 5.99 -3.88 7.73
N LEU A 20 4.82 -3.34 7.38
CA LEU A 20 4.70 -2.40 6.26
C LEU A 20 5.45 -1.10 6.56
N SER A 21 5.43 -0.69 7.84
CA SER A 21 6.04 0.57 8.26
C SER A 21 7.54 0.63 7.94
N LYS A 22 8.20 -0.53 7.97
CA LYS A 22 9.63 -0.64 7.62
C LYS A 22 9.93 -0.05 6.22
N TYR A 23 8.96 -0.12 5.33
CA TYR A 23 9.15 0.26 3.92
C TYR A 23 8.51 1.62 3.55
N GLY A 25 8.02 5.72 3.39
CA GLY A 25 8.73 6.99 3.33
C GLY A 25 8.30 7.88 4.49
N ASP A 26 8.95 9.03 4.64
N ASP A 26 8.95 9.04 4.62
CA ASP A 26 8.64 9.95 5.73
CA ASP A 26 8.66 9.96 5.72
C ASP A 26 7.21 10.54 5.63
C ASP A 26 7.23 10.54 5.63
N LYS A 27 6.71 10.65 4.40
CA LYS A 27 5.32 11.01 4.15
C LYS A 27 4.72 10.03 3.16
N VAL A 28 3.47 9.66 3.40
CA VAL A 28 2.78 8.70 2.56
C VAL A 28 1.43 9.26 2.20
N ASN A 29 1.12 9.26 0.91
CA ASN A 29 -0.19 9.66 0.44
C ASN A 29 -1.10 8.45 0.46
N LEU A 30 -2.01 8.41 1.43
CA LEU A 30 -2.98 7.33 1.53
C LEU A 30 -4.26 7.76 0.81
N VAL A 31 -4.72 6.91 -0.09
CA VAL A 31 -5.90 7.20 -0.88
C VAL A 31 -6.94 6.08 -0.63
N PHE A 32 -7.94 6.43 0.18
N PHE A 32 -8.01 6.39 0.09
N PHE A 32 -7.98 6.39 0.13
CA PHE A 32 -9.08 5.58 0.50
CA PHE A 32 -9.08 5.41 0.35
CA PHE A 32 -9.06 5.42 0.40
C PHE A 32 -10.34 6.26 0.00
C PHE A 32 -10.35 5.80 -0.40
C PHE A 32 -10.31 5.86 -0.36
N GLN A 33 -11.23 5.49 -0.59
N GLN A 33 -10.73 5.00 -1.40
N GLN A 33 -10.80 4.98 -1.25
CA GLN A 33 -12.47 6.00 -1.16
CA GLN A 33 -11.92 5.30 -2.23
CA GLN A 33 -11.99 5.28 -2.08
C GLN A 33 -12.21 7.22 -2.04
C GLN A 33 -11.80 6.67 -2.85
C GLN A 33 -11.87 6.66 -2.74
N GLY A 34 -11.15 7.13 -2.85
N GLY A 34 -10.57 7.04 -3.20
N GLY A 34 -10.65 7.00 -3.12
CA GLY A 34 -10.76 8.22 -3.77
CA GLY A 34 -10.32 8.26 -3.91
CA GLY A 34 -10.41 8.22 -3.88
C GLY A 34 -10.29 9.50 -3.07
C GLY A 34 -9.84 9.44 -3.06
C GLY A 34 -10.13 9.49 -3.10
N ARG A 35 -10.11 9.41 -1.76
CA ARG A 35 -9.79 10.55 -0.90
C ARG A 35 -8.37 10.44 -0.45
N SER A 36 -7.60 11.47 -0.75
CA SER A 36 -6.18 11.51 -0.49
C SER A 36 -5.89 12.22 0.82
N THR A 37 -5.08 11.58 1.66
CA THR A 37 -4.51 12.23 2.85
CA THR A 37 -4.53 12.19 2.87
C THR A 37 -3.01 11.96 2.91
N ASN A 38 -2.23 13.03 2.74
CA ASN A 38 -0.77 12.94 2.82
CA ASN A 38 -0.77 12.92 2.82
C ASN A 38 -0.33 13.15 4.26
N VAL A 39 0.16 12.09 4.89
CA VAL A 39 0.49 12.09 6.32
C VAL A 39 1.87 11.51 6.57
N ASP A 40 2.42 11.75 7.76
CA ASP A 40 3.72 11.23 8.11
C ASP A 40 3.66 9.73 8.35
N LYS A 41 4.84 9.10 8.43
CA LYS A 41 4.96 7.64 8.54
C LYS A 41 4.16 7.08 9.71
N GLN A 42 4.24 7.72 10.88
CA GLN A 42 3.56 7.21 12.05
CA GLN A 42 3.55 7.26 12.09
C GLN A 42 2.05 7.19 11.85
N LYS A 43 1.49 8.26 11.29
CA LYS A 43 0.05 8.35 11.07
C LYS A 43 -0.39 7.41 9.96
N ALA A 44 0.43 7.28 8.93
CA ALA A 44 0.13 6.34 7.84
C ALA A 44 0.07 4.92 8.40
N THR A 45 1.04 4.58 9.26
CA THR A 45 1.11 3.25 9.86
C THR A 45 -0.13 2.98 10.70
N ALA A 46 -0.54 3.97 11.49
CA ALA A 46 -1.75 3.88 12.31
C ALA A 46 -3.02 3.72 11.47
N ALA A 47 -3.07 4.44 10.35
CA ALA A 47 -4.21 4.34 9.42
C ALA A 47 -4.28 2.94 8.80
N GLN A 49 -3.02 0.26 10.16
CA GLN A 49 -3.35 -0.65 11.28
C GLN A 49 -4.87 -0.74 11.49
N GLU A 50 -5.54 0.42 11.40
CA GLU A 50 -6.99 0.48 11.50
C GLU A 50 -7.64 -0.25 10.31
N PHE A 51 -7.14 0.03 9.11
CA PHE A 51 -7.65 -0.63 7.93
C PHE A 51 -7.56 -2.17 8.04
N PHE A 52 -6.40 -2.67 8.47
CA PHE A 52 -6.17 -4.12 8.61
C PHE A 52 -6.96 -4.75 9.77
N THR A 53 -7.37 -3.94 10.75
CA THR A 53 -8.17 -4.45 11.85
C THR A 53 -9.65 -4.50 11.47
N LYS A 54 -10.13 -3.45 10.81
CA LYS A 54 -11.50 -3.39 10.31
C LYS A 54 -11.76 -4.45 9.25
N ASN A 55 -10.76 -4.69 8.41
CA ASN A 55 -10.87 -5.63 7.29
C ASN A 55 -9.79 -6.71 7.44
N LYS A 56 -10.10 -7.76 8.20
CA LYS A 56 -9.12 -8.77 8.54
C LYS A 56 -8.68 -9.49 7.28
N VAL A 57 -7.37 -9.52 7.06
CA VAL A 57 -6.80 -10.02 5.82
C VAL A 57 -6.61 -11.53 5.87
N SER A 58 -7.10 -12.22 4.85
CA SER A 58 -6.84 -13.63 4.68
C SER A 58 -5.80 -13.90 3.59
N GLY A 59 -5.56 -12.95 2.69
CA GLY A 59 -4.50 -13.12 1.73
C GLY A 59 -4.25 -11.90 0.86
N PHE A 60 -3.16 -11.90 0.12
CA PHE A 60 -2.80 -10.88 -0.83
C PHE A 60 -2.19 -11.54 -2.04
N ASN A 61 -2.74 -11.24 -3.20
CA ASN A 61 -2.23 -11.69 -4.49
C ASN A 61 -1.57 -10.51 -5.18
N VAL A 62 -0.34 -10.67 -5.65
CA VAL A 62 0.27 -9.67 -6.50
C VAL A 62 -0.24 -9.85 -7.93
N ASN A 63 -0.73 -8.78 -8.54
CA ASN A 63 -1.23 -8.81 -9.92
C ASN A 63 -0.22 -8.23 -10.90
N HIS A 64 0.40 -7.11 -10.53
CA HIS A 64 1.46 -6.51 -11.36
C HIS A 64 2.51 -5.86 -10.49
N GLN A 65 3.73 -5.79 -11.01
CA GLN A 65 4.88 -5.14 -10.38
CA GLN A 65 4.74 -4.98 -10.40
C GLN A 65 5.66 -4.45 -11.48
N GLY A 66 6.30 -3.35 -11.17
CA GLY A 66 7.10 -2.70 -12.16
C GLY A 66 7.99 -1.63 -11.66
N LYS A 67 8.73 -1.05 -12.61
CA LYS A 67 9.75 -0.05 -12.35
C LYS A 67 9.83 0.91 -13.52
N ARG A 68 10.05 2.19 -13.24
CA ARG A 68 10.43 3.16 -14.25
C ARG A 68 11.49 4.03 -13.60
N ASP A 69 12.74 3.81 -13.97
CA ASP A 69 13.87 4.52 -13.40
C ASP A 69 13.87 4.39 -11.88
N GLU A 70 13.80 5.49 -11.14
CA GLU A 70 13.90 5.42 -9.68
C GLU A 70 12.53 5.37 -9.00
N SER A 71 11.51 4.90 -9.74
CA SER A 71 10.18 4.69 -9.17
CA SER A 71 10.17 4.70 -9.18
C SER A 71 9.77 3.25 -9.41
N SER A 72 8.90 2.74 -8.57
CA SER A 72 8.40 1.37 -8.72
C SER A 72 6.97 1.27 -8.20
N PHE A 73 6.34 0.16 -8.50
CA PHE A 73 4.99 -0.07 -8.03
C PHE A 73 4.69 -1.53 -7.88
N VAL A 74 3.70 -1.81 -7.02
CA VAL A 74 3.12 -3.13 -6.93
C VAL A 74 1.62 -2.99 -6.77
N ILE A 75 0.89 -3.76 -7.58
CA ILE A 75 -0.56 -3.77 -7.59
CA ILE A 75 -0.55 -3.77 -7.56
C ILE A 75 -1.02 -5.16 -7.23
N GLY A 76 -1.94 -5.27 -6.29
CA GLY A 76 -2.45 -6.59 -5.93
C GLY A 76 -3.84 -6.54 -5.36
N THR A 77 -4.38 -7.70 -5.04
CA THR A 77 -5.72 -7.81 -4.46
C THR A 77 -5.63 -8.41 -3.08
N LEU A 78 -6.19 -7.69 -2.14
CA LEU A 78 -6.25 -8.07 -0.77
C LEU A 78 -7.60 -8.72 -0.48
N ALA A 79 -7.62 -9.95 -0.05
CA ALA A 79 -8.82 -10.64 0.36
C ALA A 79 -9.01 -10.45 1.86
N THR A 80 -10.21 -10.02 2.25
CA THR A 80 -10.54 -9.73 3.65
C THR A 80 -11.91 -10.26 4.03
N THR A 81 -12.21 -10.20 5.32
CA THR A 81 -13.53 -10.58 5.85
C THR A 81 -14.65 -9.73 5.23
N ASN A 82 -14.32 -8.51 4.80
CA ASN A 82 -15.30 -7.62 4.18
C ASN A 82 -15.22 -7.53 2.67
N GLY A 83 -14.50 -8.46 2.04
CA GLY A 83 -14.40 -8.54 0.60
C GLY A 83 -13.03 -8.15 0.09
N ASN A 84 -12.93 -7.98 -1.22
CA ASN A 84 -11.65 -7.72 -1.89
CA ASN A 84 -11.64 -7.71 -1.87
C ASN A 84 -11.38 -6.23 -2.04
N PHE A 85 -10.12 -5.85 -1.90
CA PHE A 85 -9.66 -4.49 -2.16
C PHE A 85 -8.49 -4.55 -3.12
N ARG A 86 -8.43 -3.65 -4.08
CA ARG A 86 -7.22 -3.51 -4.90
CA ARG A 86 -7.27 -3.45 -4.94
C ARG A 86 -6.28 -2.55 -4.20
N VAL A 87 -5.01 -2.95 -4.12
CA VAL A 87 -3.97 -2.16 -3.47
C VAL A 87 -2.96 -1.76 -4.52
N ASN A 88 -2.68 -0.46 -4.59
CA ASN A 88 -1.69 0.10 -5.52
CA ASN A 88 -1.69 0.08 -5.51
C ASN A 88 -0.67 0.87 -4.72
N CYS A 89 0.55 0.30 -4.60
CA CYS A 89 1.65 0.94 -3.84
CA CYS A 89 1.60 0.85 -3.80
C CYS A 89 2.67 1.49 -4.75
N PHE A 90 3.02 2.76 -4.53
CA PHE A 90 4.04 3.45 -5.31
C PHE A 90 5.23 3.77 -4.43
N LEU A 91 6.41 3.38 -4.91
CA LEU A 91 7.65 3.58 -4.20
C LEU A 91 8.60 4.42 -5.03
N LYS A 92 9.51 5.09 -4.34
CA LYS A 92 10.55 5.85 -5.01
C LYS A 92 11.82 5.65 -4.25
N LYS A 93 12.94 5.73 -4.97
CA LYS A 93 14.25 5.51 -4.37
CA LYS A 93 14.25 5.52 -4.38
C LYS A 93 14.63 6.70 -3.50
N VAL A 94 14.96 6.41 -2.25
CA VAL A 94 15.40 7.40 -1.26
C VAL A 94 16.70 6.81 -0.67
N GLN A 95 17.84 7.48 -0.87
CA GLN A 95 19.15 6.86 -0.58
C GLN A 95 19.29 5.59 -1.43
N ASN A 96 19.56 4.44 -0.80
CA ASN A 96 19.72 3.20 -1.52
C ASN A 96 18.60 2.21 -1.23
N GLN A 97 17.39 2.70 -1.01
CA GLN A 97 16.25 1.82 -0.87
C GLN A 97 15.00 2.48 -1.42
N TYR A 98 14.05 1.65 -1.82
CA TYR A 98 12.80 2.12 -2.35
C TYR A 98 11.78 2.18 -1.23
N LEU A 99 11.17 3.35 -1.05
CA LEU A 99 10.23 3.55 0.04
C LEU A 99 8.89 3.96 -0.49
N ILE A 100 7.85 3.48 0.18
CA ILE A 100 6.47 3.75 -0.20
C ILE A 100 6.12 5.20 0.06
N HIS A 101 5.65 5.88 -0.98
CA HIS A 101 5.16 7.24 -0.84
C HIS A 101 3.66 7.41 -1.16
N GLN A 102 3.02 6.37 -1.71
CA GLN A 102 1.58 6.41 -1.93
CA GLN A 102 1.57 6.41 -1.92
C GLN A 102 1.00 5.01 -1.85
N ILE A 103 -0.13 4.86 -1.18
CA ILE A 103 -0.88 3.62 -1.16
C ILE A 103 -2.32 3.98 -1.51
N ARG A 104 -2.80 3.44 -2.61
CA ARG A 104 -4.19 3.61 -2.94
CA ARG A 104 -4.20 3.61 -3.09
C ARG A 104 -4.91 2.29 -2.79
N ILE A 105 -6.04 2.35 -2.09
CA ILE A 105 -6.79 1.14 -1.77
C ILE A 105 -8.24 1.38 -2.19
N ASP A 106 -8.74 0.48 -3.03
CA ASP A 106 -10.11 0.59 -3.55
C ASP A 106 -10.87 -0.71 -3.35
N LYS A 107 -12.09 -0.62 -2.82
CA LYS A 107 -12.97 -1.79 -2.74
CA LYS A 107 -12.95 -1.80 -2.74
C LYS A 107 -13.35 -2.24 -4.15
N ILE A 108 -13.23 -3.55 -4.45
CA ILE A 108 -13.53 -4.09 -5.83
C ILE A 108 -14.48 -5.32 -5.78
N ASN A 109 -15.05 -5.67 -6.94
CA ASN A 109 -15.93 -6.88 -7.05
C ASN A 109 -15.19 -8.21 -6.89
N GLU A 110 -15.92 -9.25 -6.48
CA GLU A 110 -15.37 -10.60 -6.26
C GLU A 110 -15.49 -11.46 -7.52
#